data_4G89
#
_entry.id   4G89
#
_cell.length_a   115.346
_cell.length_b   59.242
_cell.length_c   82.926
_cell.angle_alpha   90.00
_cell.angle_beta   128.46
_cell.angle_gamma   90.00
#
_symmetry.space_group_name_H-M   'C 1 2 1'
#
loop_
_entity.id
_entity.type
_entity.pdbx_description
1 polymer "5'-methylthioadenosine/S-adenosylhomocysteine nucleosidase"
2 non-polymer ADENINE
3 non-polymer S-ADENOSYL-L-HOMOCYSTEINE
4 non-polymer 'SULFATE ION'
5 water water
#
_entity_poly.entity_id   1
_entity_poly.type   'polypeptide(L)'
_entity_poly.pdbx_seq_one_letter_code
;IASKSMKIGIIGAMEEEVTLLRDKIENRQTITIGGSEIYTGQLHGVDVALLKSGIGKVAAAMGATLLLERCQPDVIINTG
SAGGLASTLKVGDIVVSDEARYHDADVTAFGYEYGQLPGCPAGFKADEKLVAAAESCIKALDLNAVRGLIVSGDAFINGS
VGLAKIRHNFPQAIAVEMEATAIAHVCHNFKVPFVVVRAISDVADQQSHLSFEEFLAVAARQSTLMVENLVQNLARG
;
_entity_poly.pdbx_strand_id   A,B
#
loop_
_chem_comp.id
_chem_comp.type
_chem_comp.name
_chem_comp.formula
ADE non-polymer ADENINE 'C5 H5 N5'
SO4 non-polymer 'SULFATE ION' 'O4 S -2'
#
# COMPACT_ATOMS: atom_id res chain seq x y z
N SER A 5 -28.06 14.50 -0.09
CA SER A 5 -26.89 14.97 -0.91
C SER A 5 -25.81 13.89 -1.00
N MET A 6 -25.33 13.67 -2.22
CA MET A 6 -24.16 12.87 -2.46
C MET A 6 -22.91 13.63 -2.00
N LYS A 7 -21.98 12.94 -1.32
CA LYS A 7 -20.62 13.43 -1.14
C LYS A 7 -19.66 12.69 -2.10
N ILE A 8 -18.87 13.42 -2.86
CA ILE A 8 -17.94 12.77 -3.82
C ILE A 8 -16.51 12.99 -3.32
N GLY A 9 -15.79 11.89 -3.12
CA GLY A 9 -14.38 11.86 -2.83
C GLY A 9 -13.53 11.75 -4.10
N ILE A 10 -12.45 12.52 -4.11
CA ILE A 10 -11.60 12.70 -5.29
C ILE A 10 -10.21 12.43 -4.82
N ILE A 11 -9.42 11.61 -5.52
CA ILE A 11 -8.08 11.35 -5.09
C ILE A 11 -7.13 11.56 -6.27
N GLY A 12 -6.11 12.39 -6.05
CA GLY A 12 -5.03 12.53 -6.95
C GLY A 12 -3.79 12.49 -6.11
N ALA A 13 -2.66 12.11 -6.75
CA ALA A 13 -1.40 11.78 -6.07
C ALA A 13 -0.57 13.02 -5.80
N MET A 14 -0.49 13.90 -6.79
CA MET A 14 0.52 14.90 -6.86
C MET A 14 -0.05 16.30 -6.82
N GLU A 15 0.70 17.23 -6.29
CA GLU A 15 0.20 18.58 -5.96
C GLU A 15 -0.36 19.21 -7.23
N GLU A 16 0.36 19.01 -8.32
CA GLU A 16 0.02 19.48 -9.65
C GLU A 16 -1.23 18.83 -10.24
N GLU A 17 -1.47 17.58 -9.86
CA GLU A 17 -2.71 16.92 -10.22
C GLU A 17 -3.92 17.40 -9.41
N VAL A 18 -3.70 17.96 -8.22
N VAL A 18 -3.72 17.92 -8.20
CA VAL A 18 -4.78 18.33 -7.30
CA VAL A 18 -4.85 18.35 -7.33
C VAL A 18 -5.03 19.84 -7.20
C VAL A 18 -5.05 19.86 -7.19
N THR A 19 -4.07 20.65 -7.62
CA THR A 19 -4.07 22.06 -7.28
C THR A 19 -5.23 22.85 -7.92
N LEU A 20 -5.60 22.52 -9.16
CA LEU A 20 -6.73 23.23 -9.88
C LEU A 20 -8.06 22.89 -9.31
N LEU A 21 -8.23 21.59 -8.97
CA LEU A 21 -9.44 21.15 -8.31
C LEU A 21 -9.58 21.83 -6.95
N ARG A 22 -8.49 21.93 -6.19
CA ARG A 22 -8.50 22.52 -4.83
C ARG A 22 -8.83 24.01 -4.85
N ASP A 23 -8.26 24.73 -5.80
CA ASP A 23 -8.65 26.12 -5.99
C ASP A 23 -10.14 26.29 -6.25
N LYS A 24 -10.83 25.31 -6.82
CA LYS A 24 -12.27 25.54 -7.12
C LYS A 24 -13.19 25.21 -5.94
N ILE A 25 -12.64 24.64 -4.85
CA ILE A 25 -13.47 24.25 -3.70
C ILE A 25 -13.85 25.50 -2.91
N GLU A 26 -15.13 25.68 -2.64
CA GLU A 26 -15.62 26.76 -1.77
C GLU A 26 -15.83 26.27 -0.34
N ASN A 27 -15.66 27.20 0.59
CA ASN A 27 -15.71 26.91 2.00
C ASN A 27 -14.64 25.88 2.34
N ARG A 28 -13.44 26.03 1.78
CA ARG A 28 -12.55 24.90 1.71
C ARG A 28 -11.80 24.71 3.02
N GLN A 29 -11.77 23.48 3.49
CA GLN A 29 -11.06 23.20 4.71
C GLN A 29 -10.10 22.03 4.60
N THR A 30 -9.00 22.14 5.33
CA THR A 30 -7.87 21.25 5.18
C THR A 30 -7.71 20.40 6.41
N ILE A 31 -7.55 19.08 6.19
CA ILE A 31 -7.35 18.09 7.24
C ILE A 31 -6.06 17.33 6.89
N THR A 32 -5.12 17.29 7.83
CA THR A 32 -3.90 16.51 7.67
C THR A 32 -4.02 15.26 8.58
N ILE A 33 -3.79 14.08 8.03
CA ILE A 33 -3.72 12.83 8.80
C ILE A 33 -2.65 11.96 8.18
N GLY A 34 -1.76 11.44 9.03
CA GLY A 34 -0.33 11.61 8.84
C GLY A 34 0.18 11.23 7.46
N GLY A 35 1.06 12.06 6.94
CA GLY A 35 0.76 13.48 6.70
C GLY A 35 0.17 13.74 5.33
N SER A 36 -0.85 12.97 4.93
CA SER A 36 -1.68 13.26 3.77
C SER A 36 -2.67 14.39 4.04
N GLU A 37 -3.00 15.15 3.00
CA GLU A 37 -3.93 16.28 3.11
C GLU A 37 -5.29 16.03 2.41
N ILE A 38 -6.40 16.36 3.10
CA ILE A 38 -7.75 16.22 2.56
C ILE A 38 -8.39 17.60 2.61
N TYR A 39 -8.92 18.06 1.47
CA TYR A 39 -9.62 19.36 1.39
C TYR A 39 -11.13 19.18 1.30
N THR A 40 -11.89 19.68 2.25
CA THR A 40 -13.35 19.54 2.19
C THR A 40 -14.04 20.88 1.82
N GLY A 41 -15.25 20.77 1.24
CA GLY A 41 -16.02 21.92 0.77
C GLY A 41 -17.04 21.52 -0.26
N GLN A 42 -17.47 22.52 -1.04
CA GLN A 42 -18.43 22.32 -2.09
C GLN A 42 -17.75 22.73 -3.39
N LEU A 43 -17.82 21.86 -4.38
CA LEU A 43 -17.38 22.15 -5.71
C LEU A 43 -18.66 22.23 -6.58
N HIS A 44 -18.93 23.43 -7.07
CA HIS A 44 -20.15 23.72 -7.82
C HIS A 44 -21.36 23.26 -7.06
N GLY A 45 -21.44 23.54 -5.76
CA GLY A 45 -22.61 23.14 -4.95
C GLY A 45 -22.59 21.71 -4.41
N VAL A 46 -21.69 20.86 -4.90
CA VAL A 46 -21.58 19.42 -4.51
C VAL A 46 -20.50 19.22 -3.43
N ASP A 47 -20.90 18.65 -2.29
CA ASP A 47 -19.97 18.23 -1.25
C ASP A 47 -18.90 17.33 -1.84
N VAL A 48 -17.65 17.75 -1.63
CA VAL A 48 -16.52 16.97 -2.04
C VAL A 48 -15.49 16.90 -0.87
N ALA A 49 -14.69 15.86 -0.93
CA ALA A 49 -13.53 15.68 -0.06
C ALA A 49 -12.41 15.29 -1.02
N LEU A 50 -11.36 16.10 -1.14
CA LEU A 50 -10.31 15.92 -2.16
C LEU A 50 -9.04 15.48 -1.44
N LEU A 51 -8.45 14.34 -1.79
CA LEU A 51 -7.21 13.89 -1.14
C LEU A 51 -6.08 14.02 -2.09
N LYS A 52 -5.00 14.55 -1.54
CA LYS A 52 -3.73 14.44 -2.16
C LYS A 52 -3.02 13.25 -1.49
N SER A 53 -2.76 12.17 -2.24
CA SER A 53 -2.29 10.92 -1.62
C SER A 53 -0.77 10.80 -1.45
N GLY A 54 0.00 11.52 -2.28
CA GLY A 54 1.36 11.08 -2.59
C GLY A 54 1.43 9.93 -3.59
N ILE A 55 2.66 9.56 -3.93
CA ILE A 55 2.98 8.64 -5.05
C ILE A 55 3.13 7.21 -4.53
N GLY A 56 2.40 6.31 -5.21
CA GLY A 56 2.57 4.88 -5.14
C GLY A 56 1.48 4.20 -4.37
N LYS A 57 1.62 2.89 -4.18
CA LYS A 57 0.49 2.05 -3.79
C LYS A 57 0.11 2.24 -2.33
N VAL A 58 1.10 2.37 -1.46
CA VAL A 58 0.88 2.41 -0.01
C VAL A 58 0.51 3.84 0.37
N ALA A 59 1.16 4.82 -0.27
CA ALA A 59 0.65 6.17 -0.14
C ALA A 59 -0.86 6.25 -0.52
N ALA A 60 -1.21 5.75 -1.67
CA ALA A 60 -2.61 5.70 -2.16
C ALA A 60 -3.53 4.95 -1.23
N ALA A 61 -3.08 3.75 -0.80
CA ALA A 61 -3.83 2.90 0.13
C ALA A 61 -4.15 3.64 1.45
N MET A 62 -3.15 4.30 2.02
CA MET A 62 -3.28 4.89 3.34
C MET A 62 -4.21 6.08 3.24
N GLY A 63 -3.95 7.03 2.35
CA GLY A 63 -4.91 8.09 1.99
C GLY A 63 -6.34 7.72 1.66
N ALA A 64 -6.56 6.73 0.81
CA ALA A 64 -7.93 6.27 0.49
C ALA A 64 -8.60 5.76 1.76
N THR A 65 -7.84 5.05 2.61
CA THR A 65 -8.31 4.55 3.87
C THR A 65 -8.75 5.69 4.85
N LEU A 66 -7.91 6.72 5.00
CA LEU A 66 -8.18 7.91 5.80
C LEU A 66 -9.33 8.75 5.27
N LEU A 67 -9.40 8.85 3.95
CA LEU A 67 -10.55 9.49 3.27
C LEU A 67 -11.86 8.78 3.53
N LEU A 68 -11.91 7.49 3.32
CA LEU A 68 -13.19 6.77 3.50
C LEU A 68 -13.62 6.81 4.97
N GLU A 69 -12.63 6.54 5.81
CA GLU A 69 -12.80 6.47 7.23
C GLU A 69 -13.30 7.80 7.78
N ARG A 70 -12.63 8.90 7.50
CA ARG A 70 -13.03 10.20 8.07
C ARG A 70 -14.20 10.87 7.37
N CYS A 71 -14.21 10.86 6.05
CA CYS A 71 -15.16 11.73 5.33
C CYS A 71 -16.35 10.95 4.82
N GLN A 72 -16.22 9.64 4.74
CA GLN A 72 -17.33 8.78 4.29
C GLN A 72 -18.02 9.26 3.01
N PRO A 73 -17.24 9.52 1.95
CA PRO A 73 -17.87 9.79 0.64
C PRO A 73 -18.60 8.58 0.07
N ASP A 74 -19.62 8.86 -0.75
CA ASP A 74 -20.51 7.87 -1.28
C ASP A 74 -19.79 7.17 -2.43
N VAL A 75 -18.83 7.85 -3.03
CA VAL A 75 -18.24 7.45 -4.32
C VAL A 75 -16.80 7.92 -4.39
N ILE A 76 -15.93 7.26 -5.15
CA ILE A 76 -14.54 7.70 -5.29
C ILE A 76 -14.18 7.88 -6.75
N ILE A 77 -13.68 9.07 -7.09
CA ILE A 77 -13.01 9.29 -8.39
C ILE A 77 -11.51 9.45 -8.15
N ASN A 78 -10.70 8.67 -8.83
CA ASN A 78 -9.24 8.85 -8.87
C ASN A 78 -8.82 9.58 -10.17
N THR A 79 -8.25 10.77 -10.03
CA THR A 79 -7.81 11.58 -11.15
C THR A 79 -6.26 11.72 -11.22
N GLY A 80 -5.79 12.36 -12.27
CA GLY A 80 -4.37 12.61 -12.41
C GLY A 80 -3.86 12.23 -13.80
N SER A 81 -2.59 11.87 -13.85
CA SER A 81 -1.91 11.58 -15.12
C SER A 81 -1.78 10.07 -15.30
N ALA A 82 -1.36 9.59 -16.47
CA ALA A 82 -1.09 8.17 -16.65
C ALA A 82 -0.25 8.01 -17.92
N GLY A 83 0.37 6.85 -18.04
CA GLY A 83 1.13 6.50 -19.21
C GLY A 83 0.21 5.76 -20.15
N GLY A 84 0.11 6.26 -21.36
CA GLY A 84 -0.73 5.59 -22.35
C GLY A 84 -0.06 4.33 -22.84
N LEU A 85 -0.83 3.25 -22.92
CA LEU A 85 -0.38 2.04 -23.61
C LEU A 85 -1.22 1.77 -24.83
N ALA A 86 -2.48 2.22 -24.88
CA ALA A 86 -3.26 1.97 -26.10
C ALA A 86 -2.68 2.76 -27.27
N SER A 87 -2.63 2.09 -28.41
CA SER A 87 -2.14 2.65 -29.67
C SER A 87 -2.74 4.00 -30.12
N THR A 88 -4.06 4.15 -30.05
CA THR A 88 -4.68 5.42 -30.41
C THR A 88 -4.13 6.58 -29.58
N LEU A 89 -3.81 6.33 -28.31
CA LEU A 89 -3.76 7.42 -27.30
C LEU A 89 -2.71 8.50 -27.67
N LYS A 90 -3.08 9.77 -27.43
CA LYS A 90 -2.18 10.91 -27.52
C LYS A 90 -2.16 11.61 -26.16
N VAL A 91 -1.10 12.37 -25.92
CA VAL A 91 -0.97 13.16 -24.73
C VAL A 91 -2.17 14.06 -24.58
N GLY A 92 -2.72 14.14 -23.38
CA GLY A 92 -3.95 14.91 -23.08
C GLY A 92 -5.30 14.17 -23.17
N ASP A 93 -5.29 13.05 -23.86
CA ASP A 93 -6.46 12.17 -24.00
C ASP A 93 -6.88 11.60 -22.66
N ILE A 94 -8.17 11.36 -22.51
CA ILE A 94 -8.72 10.79 -21.29
C ILE A 94 -8.66 9.25 -21.37
N VAL A 95 -8.28 8.62 -20.25
CA VAL A 95 -8.62 7.21 -19.96
C VAL A 95 -9.60 6.99 -18.76
N VAL A 96 -10.62 6.16 -18.98
CA VAL A 96 -11.59 5.77 -17.93
C VAL A 96 -11.42 4.29 -17.66
N SER A 97 -11.27 3.90 -16.38
CA SER A 97 -11.17 2.50 -15.98
C SER A 97 -12.54 1.84 -16.19
N ASP A 98 -12.58 0.72 -16.91
CA ASP A 98 -13.66 -0.26 -16.66
C ASP A 98 -13.19 -1.28 -15.66
N GLU A 99 -11.85 -1.43 -15.52
CA GLU A 99 -11.27 -2.14 -14.41
C GLU A 99 -9.84 -1.71 -14.09
N ALA A 100 -9.29 -2.31 -13.02
CA ALA A 100 -7.97 -1.96 -12.45
C ALA A 100 -7.30 -3.28 -11.95
N ARG A 101 -6.08 -3.55 -12.41
CA ARG A 101 -5.32 -4.68 -11.93
C ARG A 101 -3.90 -4.24 -11.60
N TYR A 102 -3.28 -4.91 -10.63
CA TYR A 102 -1.87 -4.71 -10.30
C TYR A 102 -1.03 -5.40 -11.40
N HIS A 103 -0.02 -4.71 -11.93
CA HIS A 103 0.88 -5.37 -12.90
C HIS A 103 2.06 -6.00 -12.25
N ASP A 104 2.24 -5.79 -10.94
CA ASP A 104 3.41 -6.28 -10.23
C ASP A 104 3.13 -7.15 -9.03
N ALA A 105 1.97 -7.78 -9.01
CA ALA A 105 1.67 -8.70 -7.92
C ALA A 105 1.67 -10.08 -8.50
N ASP A 106 2.24 -11.02 -7.75
CA ASP A 106 2.36 -12.38 -8.22
C ASP A 106 2.39 -13.36 -7.08
N VAL A 107 1.23 -13.95 -6.83
CA VAL A 107 1.12 -15.09 -5.98
C VAL A 107 0.52 -16.22 -6.81
N THR A 108 1.00 -16.33 -8.08
CA THR A 108 0.52 -17.34 -8.98
C THR A 108 0.86 -18.76 -8.46
N ALA A 109 1.92 -18.89 -7.65
CA ALA A 109 2.26 -20.19 -7.02
C ALA A 109 1.14 -20.79 -6.16
N PHE A 110 0.25 -19.94 -5.66
CA PHE A 110 -0.85 -20.40 -4.80
C PHE A 110 -2.18 -20.45 -5.54
N GLY A 111 -2.17 -20.37 -6.86
CA GLY A 111 -3.39 -20.53 -7.66
C GLY A 111 -4.08 -19.26 -8.15
N TYR A 112 -3.61 -18.09 -7.73
CA TYR A 112 -4.26 -16.88 -8.20
C TYR A 112 -3.85 -16.60 -9.66
N GLU A 113 -4.70 -15.92 -10.42
CA GLU A 113 -4.29 -15.17 -11.60
C GLU A 113 -3.07 -14.26 -11.32
N TYR A 114 -2.18 -14.15 -12.30
CA TYR A 114 -1.20 -13.06 -12.34
C TYR A 114 -1.85 -11.70 -12.09
N GLY A 115 -1.24 -10.93 -11.17
CA GLY A 115 -1.74 -9.62 -10.74
C GLY A 115 -2.76 -9.62 -9.61
N GLN A 116 -3.28 -10.78 -9.27
CA GLN A 116 -4.29 -10.93 -8.24
C GLN A 116 -3.62 -11.20 -6.95
N LEU A 117 -4.20 -10.66 -5.87
CA LEU A 117 -3.74 -10.84 -4.47
C LEU A 117 -4.85 -11.48 -3.58
N PRO A 118 -4.47 -12.19 -2.50
CA PRO A 118 -5.51 -12.97 -1.83
C PRO A 118 -6.69 -12.12 -1.27
N GLY A 119 -7.88 -12.69 -1.26
CA GLY A 119 -9.08 -11.94 -0.88
C GLY A 119 -9.54 -10.88 -1.87
N CYS A 120 -8.93 -10.87 -3.03
CA CYS A 120 -9.30 -9.91 -4.05
C CYS A 120 -9.75 -10.61 -5.30
N PRO A 121 -10.61 -9.93 -6.06
CA PRO A 121 -10.76 -10.35 -7.44
C PRO A 121 -9.44 -10.11 -8.27
N ALA A 122 -9.33 -10.78 -9.40
CA ALA A 122 -8.17 -10.64 -10.25
C ALA A 122 -8.13 -9.22 -10.81
N GLY A 123 -9.28 -8.71 -11.21
CA GLY A 123 -9.40 -7.28 -11.54
C GLY A 123 -10.48 -6.64 -10.71
N PHE A 124 -10.27 -5.40 -10.31
CA PHE A 124 -11.30 -4.67 -9.61
C PHE A 124 -12.17 -3.90 -10.61
N LYS A 125 -13.47 -4.06 -10.50
CA LYS A 125 -14.41 -3.50 -11.44
C LYS A 125 -14.88 -2.10 -11.02
N ALA A 126 -14.69 -1.14 -11.94
CA ALA A 126 -15.21 0.20 -11.80
C ALA A 126 -16.73 0.17 -11.91
N ASP A 127 -17.37 0.98 -11.08
CA ASP A 127 -18.78 0.99 -11.02
C ASP A 127 -19.42 1.47 -12.32
N GLU A 128 -20.42 0.74 -12.78
CA GLU A 128 -20.98 0.93 -14.14
C GLU A 128 -21.62 2.29 -14.30
N LYS A 129 -22.33 2.76 -13.29
CA LYS A 129 -22.95 4.04 -13.39
C LYS A 129 -21.89 5.13 -13.42
N LEU A 130 -20.78 4.95 -12.72
CA LEU A 130 -19.75 5.98 -12.74
C LEU A 130 -19.07 5.96 -14.10
N VAL A 131 -18.83 4.77 -14.66
CA VAL A 131 -18.30 4.73 -16.00
C VAL A 131 -19.22 5.48 -16.98
N ALA A 132 -20.55 5.24 -16.89
CA ALA A 132 -21.48 5.76 -17.90
C ALA A 132 -21.54 7.30 -17.76
N ALA A 133 -21.43 7.80 -16.53
CA ALA A 133 -21.49 9.21 -16.32
C ALA A 133 -20.22 9.83 -16.91
N ALA A 134 -19.09 9.15 -16.78
CA ALA A 134 -17.82 9.70 -17.29
C ALA A 134 -17.85 9.80 -18.83
N GLU A 135 -18.22 8.71 -19.51
CA GLU A 135 -18.57 8.71 -20.91
C GLU A 135 -19.58 9.78 -21.39
N SER A 136 -20.62 10.05 -20.60
CA SER A 136 -21.48 11.23 -20.85
C SER A 136 -20.73 12.56 -20.84
N CYS A 137 -19.85 12.73 -19.87
CA CYS A 137 -19.03 13.92 -19.79
C CYS A 137 -18.03 13.95 -20.94
N ILE A 138 -17.34 12.85 -21.23
CA ILE A 138 -16.46 12.82 -22.42
C ILE A 138 -17.19 13.39 -23.66
N LYS A 139 -18.39 12.89 -23.94
CA LYS A 139 -19.09 13.23 -25.21
C LYS A 139 -19.59 14.68 -25.17
N ALA A 140 -20.07 15.13 -24.00
CA ALA A 140 -20.54 16.49 -23.83
C ALA A 140 -19.37 17.45 -24.03
N LEU A 141 -18.22 17.06 -23.53
CA LEU A 141 -16.99 17.89 -23.58
C LEU A 141 -16.17 17.69 -24.88
N ASP A 142 -16.57 16.70 -25.68
CA ASP A 142 -15.97 16.47 -27.02
C ASP A 142 -14.48 16.17 -26.89
N LEU A 143 -14.14 15.43 -25.83
CA LEU A 143 -12.76 14.91 -25.62
C LEU A 143 -12.49 13.57 -26.31
N ASN A 144 -11.22 13.33 -26.68
CA ASN A 144 -10.79 11.99 -27.06
C ASN A 144 -10.52 11.15 -25.82
N ALA A 145 -11.11 9.96 -25.77
CA ALA A 145 -11.08 9.09 -24.60
C ALA A 145 -11.03 7.64 -25.01
N VAL A 146 -10.49 6.81 -24.10
CA VAL A 146 -10.52 5.40 -24.29
C VAL A 146 -10.87 4.81 -22.95
N ARG A 147 -11.78 3.84 -22.96
CA ARG A 147 -12.24 3.18 -21.73
C ARG A 147 -11.62 1.77 -21.67
N GLY A 148 -11.19 1.33 -20.49
CA GLY A 148 -10.46 0.08 -20.51
C GLY A 148 -9.80 -0.20 -19.19
N LEU A 149 -8.96 -1.21 -19.23
CA LEU A 149 -8.20 -1.75 -18.12
C LEU A 149 -7.08 -0.82 -17.81
N ILE A 150 -7.04 -0.28 -16.60
CA ILE A 150 -5.84 0.42 -16.14
C ILE A 150 -5.03 -0.53 -15.23
N VAL A 151 -3.71 -0.57 -15.43
CA VAL A 151 -2.78 -1.34 -14.55
C VAL A 151 -1.89 -0.45 -13.70
N SER A 152 -1.72 -0.84 -12.43
CA SER A 152 -0.88 -0.09 -11.50
C SER A 152 0.24 -0.90 -10.82
N GLY A 153 1.27 -0.18 -10.43
CA GLY A 153 2.47 -0.80 -9.87
C GLY A 153 3.31 0.29 -9.24
N ASP A 154 4.33 -0.07 -8.49
CA ASP A 154 5.21 0.92 -7.84
C ASP A 154 6.41 1.16 -8.80
N ALA A 155 6.10 1.44 -10.06
CA ALA A 155 7.16 1.64 -11.04
C ALA A 155 6.71 2.68 -12.03
N PHE A 156 7.57 3.63 -12.30
CA PHE A 156 7.33 4.57 -13.39
C PHE A 156 7.95 3.94 -14.62
N ILE A 157 7.15 3.64 -15.63
CA ILE A 157 7.50 2.80 -16.73
C ILE A 157 8.09 3.75 -17.72
N ASN A 158 9.19 3.29 -18.29
CA ASN A 158 10.22 4.07 -18.98
C ASN A 158 10.86 3.13 -20.05
N GLY A 159 10.02 2.38 -20.74
CA GLY A 159 10.48 1.60 -21.87
C GLY A 159 11.13 0.29 -21.47
N SER A 160 11.83 -0.29 -22.44
CA SER A 160 12.75 -1.39 -22.19
C SER A 160 11.93 -2.55 -21.65
N VAL A 161 12.55 -3.35 -20.78
CA VAL A 161 11.99 -4.57 -20.21
C VAL A 161 10.75 -4.25 -19.33
N GLY A 162 10.79 -3.15 -18.58
CA GLY A 162 9.63 -2.77 -17.75
C GLY A 162 8.32 -2.73 -18.55
N LEU A 163 8.33 -1.96 -19.63
CA LEU A 163 7.17 -1.82 -20.51
C LEU A 163 6.78 -3.10 -21.20
N ALA A 164 7.74 -3.73 -21.89
CA ALA A 164 7.53 -5.02 -22.55
C ALA A 164 6.80 -6.04 -21.66
N LYS A 165 7.20 -6.10 -20.41
CA LYS A 165 6.64 -7.03 -19.48
C LYS A 165 5.13 -6.74 -19.28
N ILE A 166 4.76 -5.45 -19.17
CA ILE A 166 3.34 -5.07 -18.95
C ILE A 166 2.53 -5.36 -20.20
N ARG A 167 3.05 -5.05 -21.41
CA ARG A 167 2.37 -5.42 -22.67
C ARG A 167 2.25 -6.96 -22.90
N HIS A 168 3.22 -7.73 -22.42
CA HIS A 168 3.12 -9.17 -22.52
C HIS A 168 2.03 -9.69 -21.58
N ASN A 169 2.07 -9.25 -20.32
CA ASN A 169 1.12 -9.76 -19.31
C ASN A 169 -0.27 -9.16 -19.35
N PHE A 170 -0.38 -7.96 -19.89
CA PHE A 170 -1.65 -7.27 -19.94
C PHE A 170 -1.87 -6.65 -21.32
N PRO A 171 -2.02 -7.49 -22.39
CA PRO A 171 -2.09 -6.92 -23.73
C PRO A 171 -3.29 -6.00 -23.99
N GLN A 172 -4.34 -6.11 -23.15
CA GLN A 172 -5.52 -5.25 -23.20
C GLN A 172 -5.42 -3.98 -22.36
N ALA A 173 -4.37 -3.80 -21.56
CA ALA A 173 -4.19 -2.63 -20.69
C ALA A 173 -4.09 -1.40 -21.62
N ILE A 174 -4.84 -0.35 -21.29
CA ILE A 174 -4.83 0.89 -22.06
C ILE A 174 -3.95 1.96 -21.47
N ALA A 175 -3.76 1.95 -20.14
CA ALA A 175 -2.88 2.94 -19.45
C ALA A 175 -2.24 2.26 -18.19
N VAL A 176 -1.10 2.78 -17.76
CA VAL A 176 -0.35 2.33 -16.60
C VAL A 176 -0.09 3.55 -15.68
N GLU A 177 -0.19 3.31 -14.39
CA GLU A 177 0.07 4.33 -13.37
C GLU A 177 0.40 3.67 -12.02
N MET A 178 0.43 4.43 -10.92
CA MET A 178 0.97 3.94 -9.62
C MET A 178 0.00 3.96 -8.43
N GLU A 179 -1.25 4.37 -8.62
CA GLU A 179 -2.21 4.41 -7.47
C GLU A 179 -3.56 3.77 -7.65
N ALA A 180 -4.06 3.72 -8.89
CA ALA A 180 -5.47 3.43 -9.12
C ALA A 180 -5.84 2.05 -8.58
N THR A 181 -5.07 1.01 -8.88
CA THR A 181 -5.47 -0.30 -8.38
C THR A 181 -5.44 -0.38 -6.82
N ALA A 182 -4.53 0.35 -6.17
CA ALA A 182 -4.54 0.47 -4.68
C ALA A 182 -5.82 1.15 -4.17
N ILE A 183 -6.22 2.22 -4.83
CA ILE A 183 -7.49 2.86 -4.52
C ILE A 183 -8.63 1.90 -4.72
N ALA A 184 -8.57 1.06 -5.78
CA ALA A 184 -9.72 0.18 -6.09
C ALA A 184 -9.81 -0.97 -5.06
N HIS A 185 -8.67 -1.31 -4.49
CA HIS A 185 -8.54 -2.39 -3.55
C HIS A 185 -9.11 -1.92 -2.20
N VAL A 186 -8.73 -0.73 -1.75
CA VAL A 186 -9.34 -0.12 -0.57
C VAL A 186 -10.87 -0.05 -0.73
N CYS A 187 -11.34 0.37 -1.89
CA CYS A 187 -12.77 0.61 -2.05
C CYS A 187 -13.51 -0.71 -2.10
N HIS A 188 -12.88 -1.80 -2.60
CA HIS A 188 -13.43 -3.17 -2.52
C HIS A 188 -13.69 -3.52 -1.08
N ASN A 189 -12.67 -3.27 -0.25
CA ASN A 189 -12.77 -3.60 1.15
C ASN A 189 -13.81 -2.74 1.88
N PHE A 190 -13.95 -1.45 1.56
CA PHE A 190 -15.05 -0.60 2.18
C PHE A 190 -16.41 -0.63 1.46
N LYS A 191 -16.50 -1.40 0.39
CA LYS A 191 -17.66 -1.45 -0.49
C LYS A 191 -18.14 -0.07 -1.04
N VAL A 192 -17.22 0.72 -1.59
CA VAL A 192 -17.48 2.06 -2.09
C VAL A 192 -17.25 2.01 -3.60
N PRO A 193 -18.21 2.49 -4.38
CA PRO A 193 -17.97 2.59 -5.84
C PRO A 193 -16.79 3.49 -6.30
N PHE A 194 -16.01 3.01 -7.28
CA PHE A 194 -14.87 3.81 -7.80
C PHE A 194 -14.92 3.95 -9.31
N VAL A 195 -14.27 4.99 -9.79
CA VAL A 195 -13.88 5.11 -11.23
C VAL A 195 -12.53 5.83 -11.23
N VAL A 196 -11.68 5.51 -12.19
CA VAL A 196 -10.54 6.34 -12.51
C VAL A 196 -10.77 7.08 -13.78
N VAL A 197 -10.59 8.39 -13.67
CA VAL A 197 -10.60 9.29 -14.80
C VAL A 197 -9.31 10.07 -14.85
N ARG A 198 -8.41 9.60 -15.68
CA ARG A 198 -7.10 10.19 -15.83
C ARG A 198 -6.79 10.69 -17.26
N ALA A 199 -5.70 11.43 -17.42
CA ALA A 199 -5.27 11.94 -18.75
C ALA A 199 -3.85 11.54 -19.06
N ILE A 200 -3.54 11.38 -20.35
CA ILE A 200 -2.25 10.84 -20.72
C ILE A 200 -1.18 11.91 -20.77
N SER A 201 -0.07 11.65 -20.06
CA SER A 201 1.09 12.54 -19.97
C SER A 201 2.35 12.10 -20.75
N ASP A 202 2.33 10.84 -21.15
CA ASP A 202 3.45 10.16 -21.80
C ASP A 202 2.94 8.83 -22.26
N VAL A 203 3.80 8.09 -22.96
CA VAL A 203 3.43 6.81 -23.49
C VAL A 203 4.37 5.69 -22.95
N ALA A 204 5.01 5.91 -21.81
CA ALA A 204 5.68 4.85 -21.01
C ALA A 204 6.86 4.18 -21.75
N ASP A 205 7.42 4.91 -22.70
CA ASP A 205 8.60 4.46 -23.44
C ASP A 205 9.84 5.06 -22.75
N GLN A 206 11.02 4.88 -23.33
CA GLN A 206 12.21 5.46 -22.70
C GLN A 206 12.41 6.99 -22.80
N GLN A 207 11.46 7.71 -23.40
CA GLN A 207 11.28 9.18 -23.17
C GLN A 207 10.25 9.64 -22.09
N SER A 208 9.65 8.70 -21.36
CA SER A 208 8.42 9.03 -20.59
C SER A 208 8.58 10.08 -19.50
N HIS A 209 9.74 10.08 -18.87
CA HIS A 209 10.12 11.06 -17.89
C HIS A 209 10.18 12.44 -18.46
N LEU A 210 10.76 12.59 -19.67
CA LEU A 210 10.78 13.88 -20.40
C LEU A 210 9.37 14.30 -20.87
N SER A 211 8.63 13.41 -21.47
CA SER A 211 7.26 13.68 -21.83
C SER A 211 6.42 14.13 -20.60
N PHE A 212 6.62 13.46 -19.47
CA PHE A 212 5.86 13.68 -18.22
C PHE A 212 6.14 15.06 -17.68
N GLU A 213 7.39 15.46 -17.76
CA GLU A 213 7.81 16.80 -17.41
C GLU A 213 7.16 17.82 -18.30
N GLU A 214 7.24 17.60 -19.62
N GLU A 214 7.24 17.65 -19.63
CA GLU A 214 6.61 18.45 -20.67
CA GLU A 214 6.56 18.59 -20.54
C GLU A 214 5.09 18.56 -20.54
C GLU A 214 5.07 18.61 -20.30
N PHE A 215 4.43 17.44 -20.23
CA PHE A 215 2.95 17.35 -20.46
C PHE A 215 2.07 17.08 -19.22
N LEU A 216 2.65 17.09 -18.01
CA LEU A 216 1.92 16.80 -16.79
C LEU A 216 0.88 17.89 -16.59
N ALA A 217 1.24 19.16 -16.81
CA ALA A 217 0.27 20.25 -16.68
C ALA A 217 -0.91 20.07 -17.66
N VAL A 218 -0.69 19.56 -18.89
CA VAL A 218 -1.81 19.26 -19.80
C VAL A 218 -2.67 18.09 -19.29
N ALA A 219 -2.06 17.03 -18.79
CA ALA A 219 -2.78 15.90 -18.21
C ALA A 219 -3.67 16.39 -17.05
N ALA A 220 -3.14 17.30 -16.28
CA ALA A 220 -3.85 17.76 -15.03
C ALA A 220 -5.07 18.62 -15.33
N ARG A 221 -4.89 19.51 -16.27
CA ARG A 221 -5.95 20.33 -16.81
C ARG A 221 -7.05 19.48 -17.46
N GLN A 222 -6.69 18.52 -18.31
CA GLN A 222 -7.68 17.70 -18.94
C GLN A 222 -8.41 16.82 -17.92
N SER A 223 -7.72 16.23 -16.94
CA SER A 223 -8.43 15.34 -16.02
C SER A 223 -9.29 16.22 -15.07
N THR A 224 -8.84 17.40 -14.77
CA THR A 224 -9.59 18.39 -13.88
C THR A 224 -10.90 18.82 -14.55
N LEU A 225 -10.88 19.18 -15.83
CA LEU A 225 -12.09 19.47 -16.61
C LEU A 225 -13.14 18.34 -16.48
N MET A 226 -12.75 17.11 -16.80
CA MET A 226 -13.62 15.91 -16.63
C MET A 226 -14.22 15.77 -15.19
N VAL A 227 -13.36 15.73 -14.20
CA VAL A 227 -13.76 15.58 -12.82
C VAL A 227 -14.68 16.67 -12.36
N GLU A 228 -14.37 17.92 -12.62
CA GLU A 228 -15.23 18.96 -12.08
C GLU A 228 -16.61 18.91 -12.73
N ASN A 229 -16.71 18.45 -13.97
CA ASN A 229 -18.02 18.23 -14.60
C ASN A 229 -18.73 16.94 -14.14
N LEU A 230 -17.96 15.84 -14.03
CA LEU A 230 -18.41 14.59 -13.46
C LEU A 230 -19.04 14.76 -12.04
N VAL A 231 -18.47 15.55 -11.15
CA VAL A 231 -19.12 15.76 -9.82
C VAL A 231 -20.50 16.42 -9.95
N GLN A 232 -20.65 17.42 -10.83
CA GLN A 232 -21.97 17.92 -11.15
C GLN A 232 -22.96 16.92 -11.73
N ASN A 233 -22.46 16.11 -12.64
CA ASN A 233 -23.31 15.18 -13.34
C ASN A 233 -23.80 14.11 -12.37
N LEU A 234 -22.90 13.65 -11.49
CA LEU A 234 -23.22 12.61 -10.52
C LEU A 234 -24.14 13.14 -9.45
N ALA A 235 -23.92 14.36 -8.98
CA ALA A 235 -24.62 14.83 -7.78
C ALA A 235 -26.00 15.36 -8.11
N ARG A 236 -26.30 15.56 -9.41
CA ARG A 236 -27.65 16.00 -9.89
C ARG A 236 -28.29 15.11 -10.99
N GLY A 237 -27.96 15.39 -12.25
N GLY A 237 -27.98 15.40 -12.25
CA GLY A 237 -28.72 14.90 -13.41
CA GLY A 237 -28.77 14.92 -13.40
C GLY A 237 -27.85 14.19 -14.43
C GLY A 237 -27.91 14.16 -14.41
N SER B 5 2.94 4.74 30.61
CA SER B 5 1.59 5.33 30.32
C SER B 5 0.96 4.78 29.02
N MET B 6 1.50 3.68 28.53
CA MET B 6 1.80 3.49 27.12
C MET B 6 0.74 2.64 26.42
N LYS B 7 0.43 2.92 25.15
CA LYS B 7 -0.37 1.99 24.33
C LYS B 7 0.48 1.38 23.18
N ILE B 8 0.37 0.05 23.00
CA ILE B 8 1.22 -0.70 22.13
C ILE B 8 0.38 -1.39 21.05
N GLY B 9 0.62 -1.02 19.79
CA GLY B 9 -0.02 -1.65 18.69
C GLY B 9 0.78 -2.84 18.19
N ILE B 10 0.09 -3.95 17.95
CA ILE B 10 0.66 -5.21 17.56
C ILE B 10 -0.01 -5.62 16.25
N ILE B 11 0.78 -5.84 15.20
CA ILE B 11 0.31 -6.24 13.89
C ILE B 11 1.06 -7.55 13.58
N GLY B 12 0.33 -8.66 13.42
CA GLY B 12 0.90 -9.99 13.21
C GLY B 12 0.50 -10.61 11.90
N ALA B 13 1.44 -11.14 11.16
CA ALA B 13 1.09 -11.89 9.95
C ALA B 13 0.57 -13.28 10.28
N MET B 14 1.05 -13.89 11.33
CA MET B 14 0.76 -15.35 11.50
C MET B 14 -0.50 -15.42 12.32
N GLU B 15 -1.56 -15.91 11.67
CA GLU B 15 -2.88 -16.07 12.24
C GLU B 15 -2.89 -16.75 13.63
N GLU B 16 -2.10 -17.81 13.83
CA GLU B 16 -2.17 -18.47 15.14
C GLU B 16 -1.70 -17.58 16.28
N GLU B 17 -0.63 -16.85 16.05
CA GLU B 17 -0.18 -15.77 16.97
C GLU B 17 -1.23 -14.72 17.33
N VAL B 18 -1.84 -14.12 16.32
CA VAL B 18 -2.92 -13.20 16.57
C VAL B 18 -4.03 -13.84 17.40
N THR B 19 -4.37 -15.09 17.12
CA THR B 19 -5.38 -15.82 17.91
C THR B 19 -5.00 -15.96 19.39
N LEU B 20 -3.85 -16.56 19.63
CA LEU B 20 -3.35 -16.72 20.99
C LEU B 20 -3.28 -15.36 21.71
N LEU B 21 -2.85 -14.31 21.02
CA LEU B 21 -2.68 -13.03 21.68
C LEU B 21 -4.07 -12.41 22.03
N ARG B 22 -5.04 -12.50 21.10
CA ARG B 22 -6.40 -12.06 21.32
C ARG B 22 -7.02 -12.66 22.57
N ASP B 23 -6.78 -13.95 22.72
CA ASP B 23 -7.36 -14.72 23.81
C ASP B 23 -6.79 -14.32 25.17
N LYS B 24 -5.71 -13.57 25.14
CA LYS B 24 -5.07 -13.11 26.35
C LYS B 24 -5.50 -11.69 26.74
N ILE B 25 -6.28 -11.00 25.88
CA ILE B 25 -6.62 -9.58 26.13
C ILE B 25 -7.75 -9.51 27.14
N GLU B 26 -7.58 -8.65 28.14
CA GLU B 26 -8.64 -8.45 29.15
C GLU B 26 -9.50 -7.23 28.81
N ASN B 27 -10.81 -7.32 29.08
CA ASN B 27 -11.75 -6.28 28.68
C ASN B 27 -11.61 -6.07 27.15
N ARG B 28 -11.72 -7.17 26.41
CA ARG B 28 -11.48 -7.10 25.01
C ARG B 28 -12.66 -6.45 24.34
N GLN B 29 -12.38 -5.57 23.39
CA GLN B 29 -13.41 -5.10 22.50
C GLN B 29 -12.87 -5.26 21.10
N THR B 30 -13.77 -5.60 20.17
N THR B 30 -13.77 -5.61 20.18
CA THR B 30 -13.41 -5.89 18.79
CA THR B 30 -13.38 -5.84 18.81
C THR B 30 -14.04 -4.85 17.84
C THR B 30 -13.98 -4.72 17.94
N ILE B 31 -13.30 -4.34 16.86
CA ILE B 31 -13.92 -3.51 15.78
C ILE B 31 -13.64 -4.05 14.38
N THR B 32 -14.61 -3.92 13.49
CA THR B 32 -14.42 -4.22 12.09
C THR B 32 -14.53 -2.94 11.28
N ILE B 33 -13.48 -2.63 10.53
CA ILE B 33 -13.49 -1.54 9.58
C ILE B 33 -12.82 -2.08 8.36
N GLY B 34 -13.42 -1.85 7.20
CA GLY B 34 -12.79 -2.26 5.94
C GLY B 34 -12.33 -3.72 5.84
N GLY B 35 -13.08 -4.62 6.50
CA GLY B 35 -12.72 -6.02 6.58
C GLY B 35 -11.55 -6.39 7.48
N SER B 36 -11.05 -5.45 8.28
CA SER B 36 -10.08 -5.74 9.31
C SER B 36 -10.73 -5.75 10.69
N GLU B 37 -10.34 -6.72 11.51
CA GLU B 37 -10.72 -6.80 12.89
C GLU B 37 -9.60 -6.30 13.73
N ILE B 38 -9.90 -5.35 14.62
CA ILE B 38 -8.89 -4.83 15.58
C ILE B 38 -9.38 -5.15 16.98
N TYR B 39 -8.54 -5.80 17.79
CA TYR B 39 -8.82 -6.05 19.18
C TYR B 39 -8.10 -5.09 20.08
N THR B 40 -8.83 -4.57 21.07
CA THR B 40 -8.30 -3.62 22.03
C THR B 40 -8.64 -4.00 23.50
N GLY B 41 -7.72 -3.76 24.41
CA GLY B 41 -7.86 -4.20 25.78
C GLY B 41 -6.54 -4.12 26.52
N GLN B 42 -6.41 -4.92 27.59
CA GLN B 42 -5.19 -4.96 28.38
C GLN B 42 -4.56 -6.30 28.15
N LEU B 43 -3.30 -6.33 27.76
CA LEU B 43 -2.48 -7.54 27.79
C LEU B 43 -1.49 -7.39 28.93
N HIS B 44 -1.64 -8.23 29.95
CA HIS B 44 -0.71 -8.22 31.09
C HIS B 44 -0.65 -6.81 31.63
N GLY B 45 -1.82 -6.18 31.76
CA GLY B 45 -1.95 -4.81 32.28
C GLY B 45 -1.68 -3.66 31.32
N VAL B 46 -1.13 -3.94 30.12
CA VAL B 46 -0.80 -2.89 29.17
C VAL B 46 -1.92 -2.72 28.11
N ASP B 47 -2.31 -1.47 27.88
CA ASP B 47 -3.25 -1.14 26.82
C ASP B 47 -2.66 -1.58 25.45
N VAL B 48 -3.30 -2.50 24.74
CA VAL B 48 -2.81 -2.87 23.40
C VAL B 48 -3.89 -2.68 22.31
N ALA B 49 -3.45 -2.65 21.06
CA ALA B 49 -4.36 -2.85 19.94
C ALA B 49 -3.74 -3.89 19.00
N LEU B 50 -4.56 -4.83 18.54
CA LEU B 50 -4.10 -6.05 17.86
C LEU B 50 -4.80 -6.23 16.54
N LEU B 51 -4.04 -6.60 15.48
CA LEU B 51 -4.55 -6.73 14.12
C LEU B 51 -3.70 -7.75 13.33
N LYS B 52 -4.36 -8.66 12.64
CA LYS B 52 -3.66 -9.54 11.71
C LYS B 52 -3.60 -8.82 10.39
N SER B 53 -2.41 -8.72 9.84
CA SER B 53 -2.19 -8.08 8.55
C SER B 53 -2.59 -9.00 7.40
N GLY B 54 -3.02 -8.36 6.30
CA GLY B 54 -3.39 -9.05 5.09
C GLY B 54 -2.15 -9.26 4.24
N ILE B 55 -2.35 -9.65 2.99
CA ILE B 55 -1.25 -10.09 2.13
C ILE B 55 -1.00 -9.03 1.06
N GLY B 56 0.25 -8.60 0.95
CA GLY B 56 0.65 -7.50 0.11
C GLY B 56 0.56 -6.11 0.73
N LYS B 57 1.13 -5.14 0.03
CA LYS B 57 1.49 -3.85 0.62
C LYS B 57 0.26 -3.02 0.87
N VAL B 58 -0.72 -3.05 -0.06
CA VAL B 58 -2.00 -2.30 0.11
C VAL B 58 -2.87 -2.76 1.30
N ALA B 59 -3.10 -4.05 1.35
CA ALA B 59 -3.85 -4.66 2.44
C ALA B 59 -3.17 -4.36 3.77
N ALA B 60 -1.86 -4.49 3.82
CA ALA B 60 -1.12 -4.25 5.10
C ALA B 60 -1.19 -2.76 5.50
N ALA B 61 -1.06 -1.88 4.50
CA ALA B 61 -1.13 -0.44 4.72
C ALA B 61 -2.43 -0.04 5.27
N MET B 62 -3.48 -0.57 4.65
CA MET B 62 -4.82 -0.34 5.09
C MET B 62 -5.12 -0.69 6.56
N GLY B 63 -4.96 -1.97 6.92
CA GLY B 63 -4.86 -2.45 8.28
C GLY B 63 -4.03 -1.58 9.21
N ALA B 64 -2.75 -1.38 8.90
CA ALA B 64 -1.91 -0.42 9.71
C ALA B 64 -2.55 0.93 9.89
N THR B 65 -3.15 1.49 8.84
CA THR B 65 -3.59 2.91 8.88
C THR B 65 -4.78 3.00 9.86
N LEU B 66 -5.69 2.05 9.76
CA LEU B 66 -6.87 2.00 10.57
C LEU B 66 -6.54 1.74 12.03
N LEU B 67 -5.55 0.87 12.28
CA LEU B 67 -5.03 0.71 13.66
C LEU B 67 -4.49 2.02 14.19
N LEU B 68 -3.59 2.67 13.45
CA LEU B 68 -2.86 3.79 13.98
C LEU B 68 -3.81 4.96 14.10
N GLU B 69 -4.80 5.02 13.21
CA GLU B 69 -5.64 6.16 13.13
C GLU B 69 -6.74 6.07 14.20
N ARG B 70 -7.32 4.89 14.37
CA ARG B 70 -8.39 4.67 15.36
C ARG B 70 -7.91 4.56 16.84
N CYS B 71 -6.82 3.85 17.04
CA CYS B 71 -6.34 3.49 18.35
C CYS B 71 -5.17 4.33 18.82
N GLN B 72 -4.54 5.07 17.92
CA GLN B 72 -3.40 5.94 18.29
C GLN B 72 -2.35 5.30 19.22
N PRO B 73 -1.77 4.15 18.83
CA PRO B 73 -0.74 3.55 19.69
C PRO B 73 0.55 4.38 19.73
N ASP B 74 1.33 4.24 20.80
CA ASP B 74 2.61 4.94 20.92
C ASP B 74 3.70 4.30 20.08
N VAL B 75 3.56 3.01 19.80
CA VAL B 75 4.58 2.25 19.16
C VAL B 75 3.92 1.12 18.34
N ILE B 76 4.58 0.66 17.29
CA ILE B 76 4.11 -0.53 16.58
C ILE B 76 5.14 -1.63 16.73
N ILE B 77 4.67 -2.80 17.14
CA ILE B 77 5.36 -4.06 16.99
C ILE B 77 4.74 -4.89 15.90
N ASN B 78 5.54 -5.17 14.87
CA ASN B 78 5.10 -5.88 13.71
C ASN B 78 5.80 -7.24 13.51
N THR B 79 5.03 -8.33 13.67
CA THR B 79 5.53 -9.70 13.72
C THR B 79 5.13 -10.49 12.48
N GLY B 80 5.94 -11.51 12.15
CA GLY B 80 5.58 -12.53 11.20
C GLY B 80 6.73 -13.50 10.91
N SER B 81 6.69 -14.07 9.71
CA SER B 81 7.74 -14.96 9.17
C SER B 81 8.29 -14.46 7.83
N ALA B 82 9.52 -14.84 7.49
CA ALA B 82 10.13 -14.37 6.25
C ALA B 82 11.05 -15.39 5.67
N GLY B 83 11.37 -15.23 4.40
CA GLY B 83 12.43 -15.99 3.77
C GLY B 83 13.76 -15.33 4.04
N GLY B 84 14.78 -16.17 4.19
CA GLY B 84 16.14 -15.75 4.43
C GLY B 84 16.93 -15.61 3.13
N LEU B 85 17.68 -14.52 3.00
CA LEU B 85 18.48 -14.27 1.80
C LEU B 85 19.97 -14.60 2.02
N ALA B 86 20.46 -14.33 3.24
CA ALA B 86 21.84 -14.55 3.68
C ALA B 86 22.00 -16.03 3.89
N SER B 87 23.00 -16.63 3.23
CA SER B 87 23.18 -18.12 3.21
C SER B 87 23.62 -18.59 4.59
N THR B 88 24.05 -17.61 5.38
CA THR B 88 24.51 -17.75 6.74
C THR B 88 23.37 -17.83 7.80
N LEU B 89 22.11 -17.67 7.39
CA LEU B 89 20.99 -17.69 8.33
C LEU B 89 20.57 -19.15 8.48
N LYS B 90 19.88 -19.47 9.57
CA LYS B 90 19.30 -20.82 9.77
C LYS B 90 17.75 -20.75 9.91
N VAL B 91 17.04 -21.73 9.35
CA VAL B 91 15.59 -21.81 9.55
C VAL B 91 15.39 -21.79 11.06
N GLY B 92 14.61 -20.82 11.54
CA GLY B 92 14.43 -20.57 13.00
C GLY B 92 15.07 -19.33 13.57
N ASP B 93 16.04 -18.79 12.85
CA ASP B 93 16.56 -17.46 13.24
C ASP B 93 15.40 -16.43 13.28
N ILE B 94 15.51 -15.40 14.11
CA ILE B 94 14.57 -14.31 14.14
C ILE B 94 15.26 -13.01 13.68
N VAL B 95 14.82 -12.46 12.54
CA VAL B 95 15.39 -11.21 12.07
C VAL B 95 14.67 -10.01 12.65
N VAL B 96 15.45 -9.05 13.10
CA VAL B 96 14.92 -7.82 13.61
C VAL B 96 15.40 -6.78 12.61
N SER B 97 14.47 -6.11 11.95
CA SER B 97 14.82 -5.06 10.99
C SER B 97 15.57 -3.92 11.61
N ASP B 98 16.70 -3.54 11.02
CA ASP B 98 17.17 -2.16 11.28
C ASP B 98 16.55 -1.20 10.28
N GLU B 99 16.22 -1.70 9.08
CA GLU B 99 15.67 -0.90 8.00
C GLU B 99 14.72 -1.74 7.17
N ALA B 100 13.68 -1.12 6.59
CA ALA B 100 12.86 -1.79 5.52
C ALA B 100 12.91 -1.10 4.18
N ARG B 101 13.09 -1.86 3.08
CA ARG B 101 12.98 -1.27 1.75
C ARG B 101 12.09 -2.09 0.81
N TYR B 102 11.57 -1.45 -0.25
CA TYR B 102 10.80 -2.11 -1.27
C TYR B 102 11.80 -2.76 -2.26
N HIS B 103 11.67 -4.06 -2.51
CA HIS B 103 12.42 -4.65 -3.67
C HIS B 103 11.78 -4.50 -5.00
N ASP B 104 10.51 -4.06 -5.04
CA ASP B 104 9.75 -3.96 -6.33
C ASP B 104 9.35 -2.52 -6.65
N ALA B 105 9.93 -1.51 -5.97
CA ALA B 105 9.70 -0.09 -6.32
C ALA B 105 10.80 0.40 -7.26
N ASP B 106 10.42 0.99 -8.39
CA ASP B 106 11.36 1.49 -9.37
C ASP B 106 10.90 2.84 -9.95
N VAL B 107 11.34 3.94 -9.31
CA VAL B 107 11.29 5.25 -9.93
C VAL B 107 12.67 5.81 -10.38
N THR B 108 13.52 4.91 -10.88
CA THR B 108 14.89 5.26 -11.15
C THR B 108 14.98 6.13 -12.42
N ALA B 109 13.90 6.19 -13.18
CA ALA B 109 13.77 7.08 -14.33
C ALA B 109 13.98 8.56 -13.94
N PHE B 110 13.57 8.94 -12.71
CA PHE B 110 13.74 10.28 -12.22
C PHE B 110 14.92 10.40 -11.25
N GLY B 111 15.76 9.38 -11.25
CA GLY B 111 16.97 9.37 -10.43
C GLY B 111 16.88 8.89 -9.02
N TYR B 112 15.74 8.35 -8.61
CA TYR B 112 15.65 7.90 -7.24
C TYR B 112 16.46 6.66 -7.11
N GLU B 113 16.82 6.36 -5.88
CA GLU B 113 17.48 5.12 -5.65
C GLU B 113 16.48 3.97 -5.93
N TYR B 114 16.94 2.85 -6.46
CA TYR B 114 16.11 1.67 -6.61
C TYR B 114 15.43 1.28 -5.31
N GLY B 115 14.18 0.86 -5.39
CA GLY B 115 13.40 0.61 -4.17
C GLY B 115 12.82 1.82 -3.47
N GLN B 116 13.32 3.00 -3.81
CA GLN B 116 12.82 4.25 -3.23
C GLN B 116 11.59 4.79 -3.97
N LEU B 117 10.63 5.34 -3.20
CA LEU B 117 9.47 6.02 -3.75
C LEU B 117 9.55 7.53 -3.44
N PRO B 118 9.02 8.37 -4.35
CA PRO B 118 9.09 9.79 -4.20
C PRO B 118 8.51 10.18 -2.81
N GLY B 119 9.07 11.22 -2.22
CA GLY B 119 8.56 11.77 -0.94
C GLY B 119 8.98 10.87 0.22
N CYS B 120 9.64 9.73 -0.07
CA CYS B 120 10.09 8.86 1.00
C CYS B 120 11.60 8.75 1.13
N PRO B 121 12.07 8.35 2.33
CA PRO B 121 13.42 7.83 2.43
C PRO B 121 13.60 6.57 1.59
N ALA B 122 14.85 6.27 1.25
CA ALA B 122 15.13 5.14 0.40
C ALA B 122 14.93 3.85 1.20
N GLY B 123 15.12 3.97 2.52
CA GLY B 123 14.63 3.01 3.52
C GLY B 123 13.99 3.63 4.73
N PHE B 124 13.09 2.87 5.35
CA PHE B 124 12.41 3.32 6.55
C PHE B 124 13.10 2.70 7.77
N LYS B 125 13.66 3.55 8.61
N LYS B 125 13.62 3.58 8.61
CA LYS B 125 14.48 3.11 9.73
CA LYS B 125 14.42 3.20 9.75
C LYS B 125 13.59 2.65 10.90
C LYS B 125 13.54 2.64 10.90
N ALA B 126 13.78 1.40 11.32
CA ALA B 126 13.23 0.86 12.61
C ALA B 126 13.75 1.66 13.83
N ASP B 127 12.95 1.75 14.86
CA ASP B 127 13.32 2.59 16.00
C ASP B 127 14.42 1.86 16.83
N GLU B 128 15.47 2.55 17.23
CA GLU B 128 16.63 1.87 17.80
C GLU B 128 16.38 1.17 19.17
N LYS B 129 15.60 1.79 20.05
CA LYS B 129 15.28 1.21 21.35
C LYS B 129 14.29 0.06 21.24
N LEU B 130 13.36 0.13 20.29
CA LEU B 130 12.47 -1.03 20.03
C LEU B 130 13.26 -2.18 19.38
N VAL B 131 14.20 -1.88 18.50
CA VAL B 131 15.12 -2.91 17.94
C VAL B 131 15.91 -3.66 19.06
N ALA B 132 16.72 -2.90 19.81
CA ALA B 132 17.33 -3.32 21.11
C ALA B 132 16.41 -4.10 22.09
N ALA B 133 15.23 -3.54 22.41
CA ALA B 133 14.19 -4.29 23.20
C ALA B 133 13.81 -5.64 22.59
N ALA B 134 13.58 -5.66 21.27
CA ALA B 134 13.12 -6.87 20.58
C ALA B 134 14.24 -7.90 20.62
N GLU B 135 15.45 -7.42 20.41
CA GLU B 135 16.63 -8.25 20.51
C GLU B 135 16.83 -8.94 21.89
N SER B 136 16.80 -8.16 22.97
CA SER B 136 16.90 -8.73 24.34
C SER B 136 15.87 -9.81 24.54
N CYS B 137 14.61 -9.48 24.22
N CYS B 137 14.64 -9.45 24.20
CA CYS B 137 13.51 -10.42 24.39
CA CYS B 137 13.51 -10.34 24.30
C CYS B 137 13.67 -11.68 23.54
C CYS B 137 13.69 -11.65 23.55
N ILE B 138 14.23 -11.56 22.34
CA ILE B 138 14.54 -12.76 21.55
C ILE B 138 15.64 -13.61 22.22
N LYS B 139 16.74 -13.01 22.59
N LYS B 139 16.76 -12.99 22.56
CA LYS B 139 17.84 -13.75 23.20
CA LYS B 139 17.86 -13.69 23.25
C LYS B 139 17.45 -14.40 24.55
C LYS B 139 17.34 -14.45 24.48
N ALA B 140 16.58 -13.73 25.31
CA ALA B 140 16.08 -14.27 26.61
C ALA B 140 15.13 -15.48 26.43
N LEU B 141 14.69 -15.72 25.21
CA LEU B 141 13.81 -16.83 24.93
C LEU B 141 14.62 -18.02 24.48
N ASP B 142 15.95 -17.91 24.62
CA ASP B 142 16.95 -18.76 23.98
C ASP B 142 16.87 -18.78 22.45
N LEU B 143 16.56 -17.64 21.86
CA LEU B 143 16.45 -17.55 20.41
C LEU B 143 17.60 -16.72 19.79
N ASN B 144 17.95 -16.99 18.53
CA ASN B 144 19.02 -16.26 17.85
C ASN B 144 18.44 -15.03 17.11
N ALA B 145 18.68 -13.83 17.65
CA ALA B 145 18.34 -12.54 16.99
C ALA B 145 19.43 -12.09 16.00
N VAL B 146 19.05 -11.86 14.75
CA VAL B 146 19.95 -11.32 13.73
C VAL B 146 19.35 -10.04 13.21
N ARG B 147 20.06 -8.94 13.41
CA ARG B 147 19.60 -7.64 12.91
C ARG B 147 20.01 -7.34 11.47
N GLY B 148 19.06 -6.81 10.69
CA GLY B 148 19.43 -6.15 9.47
C GLY B 148 18.31 -5.75 8.59
N LEU B 149 18.58 -5.74 7.28
CA LEU B 149 17.65 -5.20 6.28
C LEU B 149 16.66 -6.24 5.78
N ILE B 150 15.36 -5.92 5.91
CA ILE B 150 14.23 -6.69 5.30
C ILE B 150 13.70 -5.95 4.05
N VAL B 151 13.62 -6.67 2.92
CA VAL B 151 12.92 -6.15 1.77
C VAL B 151 11.55 -6.84 1.53
N SER B 152 10.56 -6.04 1.06
CA SER B 152 9.29 -6.59 0.65
C SER B 152 8.70 -6.09 -0.64
N GLY B 153 7.72 -6.84 -1.11
CA GLY B 153 7.16 -6.66 -2.46
C GLY B 153 6.03 -7.61 -2.75
N ASP B 154 5.24 -7.32 -3.79
CA ASP B 154 3.94 -7.97 -3.98
C ASP B 154 4.10 -9.21 -4.88
N ALA B 155 5.31 -9.58 -5.16
CA ALA B 155 5.60 -10.85 -5.84
C ALA B 155 6.09 -11.81 -4.79
N PHE B 156 5.57 -13.04 -4.82
CA PHE B 156 6.12 -14.07 -3.95
C PHE B 156 7.44 -14.57 -4.56
N ILE B 157 8.56 -14.39 -3.85
CA ILE B 157 9.89 -14.80 -4.31
C ILE B 157 10.33 -15.99 -3.46
N ASN B 158 10.26 -17.20 -4.02
CA ASN B 158 10.92 -18.36 -3.39
C ASN B 158 12.22 -18.76 -4.09
N GLY B 159 12.23 -18.77 -5.42
CA GLY B 159 13.14 -19.67 -6.16
C GLY B 159 14.28 -19.06 -6.94
N SER B 160 13.97 -18.00 -7.68
CA SER B 160 13.25 -18.15 -8.96
C SER B 160 14.09 -18.34 -10.25
N VAL B 161 14.86 -17.31 -10.62
CA VAL B 161 14.74 -16.59 -11.91
C VAL B 161 14.42 -15.11 -11.59
N GLY B 162 14.99 -14.63 -10.47
CA GLY B 162 14.26 -13.89 -9.38
C GLY B 162 14.72 -14.29 -7.97
N LEU B 163 15.23 -13.35 -7.18
CA LEU B 163 15.95 -13.64 -5.90
C LEU B 163 17.44 -13.33 -6.00
N ALA B 164 17.99 -13.36 -7.20
CA ALA B 164 18.68 -12.20 -7.75
C ALA B 164 17.76 -11.62 -8.83
N LYS B 165 18.02 -10.39 -9.22
CA LYS B 165 17.26 -9.22 -8.74
C LYS B 165 17.60 -9.10 -7.25
N ILE B 166 16.87 -9.74 -6.33
CA ILE B 166 16.83 -9.23 -4.96
C ILE B 166 18.22 -8.98 -4.35
N ARG B 167 19.09 -9.99 -4.40
N ARG B 167 19.10 -9.98 -4.39
CA ARG B 167 20.47 -9.88 -3.87
CA ARG B 167 20.46 -9.86 -3.82
C ARG B 167 21.37 -8.95 -4.69
C ARG B 167 21.41 -8.99 -4.70
N HIS B 168 21.14 -8.90 -6.00
CA HIS B 168 21.83 -7.95 -6.89
C HIS B 168 21.52 -6.51 -6.53
N ASN B 169 20.22 -6.17 -6.44
CA ASN B 169 19.73 -4.84 -6.07
C ASN B 169 19.88 -4.47 -4.59
N PHE B 170 19.85 -5.48 -3.74
CA PHE B 170 20.02 -5.30 -2.31
C PHE B 170 20.95 -6.42 -1.81
N PRO B 171 22.25 -6.33 -2.15
CA PRO B 171 23.15 -6.87 -1.15
C PRO B 171 22.91 -6.06 0.12
N GLN B 172 23.16 -6.66 1.26
CA GLN B 172 22.78 -6.11 2.56
C GLN B 172 21.45 -6.66 2.99
N ALA B 173 20.54 -6.98 2.06
CA ALA B 173 19.26 -7.57 2.47
C ALA B 173 19.42 -9.03 2.92
N ILE B 174 18.87 -9.32 4.10
CA ILE B 174 18.91 -10.66 4.73
C ILE B 174 17.58 -11.42 4.77
N ALA B 175 16.47 -10.72 4.49
CA ALA B 175 15.16 -11.35 4.56
C ALA B 175 14.17 -10.69 3.56
N VAL B 176 13.19 -11.45 3.10
CA VAL B 176 12.21 -10.95 2.19
C VAL B 176 10.84 -11.51 2.59
N GLU B 177 9.82 -10.67 2.49
CA GLU B 177 8.42 -11.11 2.60
C GLU B 177 7.52 -10.05 1.92
N MET B 178 6.23 -10.01 2.23
CA MET B 178 5.30 -9.25 1.41
C MET B 178 4.64 -8.02 2.06
N GLU B 179 4.83 -7.79 3.38
CA GLU B 179 4.14 -6.65 4.09
C GLU B 179 5.03 -5.66 4.85
N ALA B 180 6.24 -6.06 5.25
CA ALA B 180 7.01 -5.35 6.26
C ALA B 180 7.19 -3.88 5.88
N THR B 181 7.62 -3.66 4.64
CA THR B 181 8.01 -2.32 4.28
C THR B 181 6.78 -1.45 4.23
N ALA B 182 5.66 -2.03 3.89
CA ALA B 182 4.41 -1.31 3.75
C ALA B 182 3.98 -0.83 5.15
N ILE B 183 4.10 -1.72 6.12
CA ILE B 183 3.84 -1.32 7.50
C ILE B 183 4.86 -0.27 7.96
N ALA B 184 6.14 -0.47 7.58
CA ALA B 184 7.20 0.49 7.92
C ALA B 184 6.88 1.92 7.33
N HIS B 185 6.52 1.94 6.05
CA HIS B 185 6.03 3.17 5.40
C HIS B 185 4.92 3.93 6.11
N VAL B 186 3.83 3.23 6.42
CA VAL B 186 2.72 3.85 7.16
C VAL B 186 3.15 4.39 8.51
N CYS B 187 3.87 3.59 9.27
CA CYS B 187 4.44 4.11 10.55
C CYS B 187 5.29 5.36 10.36
N HIS B 188 6.07 5.41 9.31
CA HIS B 188 6.88 6.58 9.05
C HIS B 188 6.00 7.79 8.77
N ASN B 189 4.91 7.58 8.05
CA ASN B 189 4.01 8.64 7.68
C ASN B 189 3.28 9.24 8.91
N PHE B 190 2.97 8.40 9.92
CA PHE B 190 2.29 8.84 11.13
C PHE B 190 3.30 9.24 12.21
N LYS B 191 4.57 9.08 11.91
CA LYS B 191 5.66 9.31 12.89
C LYS B 191 5.50 8.45 14.14
N VAL B 192 5.28 7.16 13.96
CA VAL B 192 5.09 6.24 15.09
C VAL B 192 6.27 5.29 15.00
N PRO B 193 7.09 5.17 16.07
CA PRO B 193 8.20 4.24 16.09
C PRO B 193 7.72 2.82 15.91
N PHE B 194 8.43 2.04 15.11
CA PHE B 194 8.05 0.67 14.87
C PHE B 194 9.25 -0.22 15.08
N VAL B 195 8.97 -1.51 15.20
CA VAL B 195 9.94 -2.56 14.94
C VAL B 195 9.27 -3.74 14.16
N VAL B 196 10.03 -4.28 13.21
CA VAL B 196 9.63 -5.39 12.41
C VAL B 196 10.51 -6.63 12.81
N VAL B 197 9.83 -7.67 13.24
CA VAL B 197 10.49 -8.94 13.64
C VAL B 197 9.95 -10.08 12.79
N ARG B 198 10.81 -10.99 12.38
CA ARG B 198 10.42 -12.00 11.37
C ARG B 198 11.12 -13.34 11.59
N ALA B 199 10.34 -14.41 11.78
CA ALA B 199 10.91 -15.74 11.97
C ALA B 199 11.28 -16.28 10.60
N ILE B 200 12.48 -16.80 10.50
CA ILE B 200 12.95 -17.30 9.21
C ILE B 200 12.49 -18.75 8.94
N SER B 201 11.65 -18.90 7.93
CA SER B 201 11.01 -20.14 7.55
C SER B 201 11.82 -20.97 6.53
N ASP B 202 12.62 -20.31 5.72
CA ASP B 202 13.54 -21.02 4.83
C ASP B 202 14.65 -20.08 4.40
N VAL B 203 15.81 -20.64 4.08
CA VAL B 203 16.93 -19.89 3.55
C VAL B 203 17.23 -20.29 2.11
N ALA B 204 17.67 -19.33 1.31
CA ALA B 204 17.87 -19.55 -0.12
C ALA B 204 18.93 -20.62 -0.43
N ASP B 205 18.64 -21.43 -1.44
CA ASP B 205 18.67 -22.91 -1.37
C ASP B 205 19.60 -23.55 -0.32
N GLN B 206 19.24 -23.40 0.96
CA GLN B 206 19.50 -24.40 2.01
C GLN B 206 18.23 -25.26 2.18
N GLN B 207 17.82 -25.89 1.09
CA GLN B 207 16.51 -26.49 1.02
C GLN B 207 16.36 -27.58 2.09
N SER B 208 15.12 -27.86 2.45
CA SER B 208 14.59 -27.42 3.74
C SER B 208 13.91 -28.56 4.50
N HIS B 209 13.90 -28.44 5.82
CA HIS B 209 13.60 -29.58 6.72
C HIS B 209 12.14 -29.72 7.08
N LEU B 210 11.53 -28.71 7.71
CA LEU B 210 10.12 -28.84 8.16
C LEU B 210 9.20 -28.11 7.20
N SER B 211 8.00 -28.66 6.94
CA SER B 211 7.01 -27.98 6.09
C SER B 211 6.62 -26.64 6.74
N PHE B 212 6.17 -25.71 5.91
CA PHE B 212 5.69 -24.41 6.38
C PHE B 212 4.62 -24.54 7.48
N GLU B 213 3.68 -25.48 7.34
CA GLU B 213 2.56 -25.64 8.29
C GLU B 213 3.01 -26.02 9.70
N GLU B 214 4.12 -26.74 9.71
CA GLU B 214 4.82 -27.19 10.91
C GLU B 214 5.74 -26.11 11.48
N PHE B 215 6.44 -25.40 10.59
CA PHE B 215 7.24 -24.22 10.99
C PHE B 215 6.36 -23.24 11.71
N LEU B 216 5.22 -22.93 11.09
CA LEU B 216 4.24 -21.94 11.62
C LEU B 216 3.67 -22.27 12.99
N ALA B 217 3.46 -23.57 13.26
CA ALA B 217 3.02 -24.04 14.58
C ALA B 217 3.99 -23.60 15.68
N VAL B 218 5.27 -23.81 15.43
CA VAL B 218 6.31 -23.45 16.40
C VAL B 218 6.57 -21.93 16.44
N ALA B 219 6.60 -21.31 15.26
CA ALA B 219 6.97 -19.90 15.12
C ALA B 219 5.95 -19.01 15.86
N ALA B 220 4.68 -19.35 15.67
CA ALA B 220 3.56 -18.60 16.21
C ALA B 220 3.45 -18.66 17.72
N ARG B 221 3.86 -19.81 18.28
CA ARG B 221 4.07 -19.92 19.72
C ARG B 221 5.25 -19.10 20.29
N GLN B 222 6.40 -19.17 19.64
CA GLN B 222 7.60 -18.46 20.10
C GLN B 222 7.29 -16.96 19.97
N SER B 223 6.73 -16.58 18.83
CA SER B 223 6.42 -15.17 18.57
C SER B 223 5.39 -14.61 19.56
N THR B 224 4.37 -15.39 19.91
CA THR B 224 3.36 -14.96 20.91
C THR B 224 3.99 -14.58 22.26
N LEU B 225 4.82 -15.48 22.78
CA LEU B 225 5.54 -15.20 24.02
C LEU B 225 6.48 -14.00 23.88
N MET B 226 7.13 -13.91 22.73
CA MET B 226 8.02 -12.79 22.49
C MET B 226 7.25 -11.48 22.63
N VAL B 227 6.07 -11.41 22.02
CA VAL B 227 5.28 -10.19 21.97
C VAL B 227 4.80 -9.86 23.42
N GLU B 228 4.31 -10.83 24.18
CA GLU B 228 3.79 -10.54 25.56
C GLU B 228 4.91 -10.11 26.52
N ASN B 229 6.13 -10.62 26.33
CA ASN B 229 7.29 -10.12 27.09
C ASN B 229 7.70 -8.73 26.64
N LEU B 230 7.71 -8.49 25.33
CA LEU B 230 8.14 -7.18 24.81
C LEU B 230 7.16 -6.08 25.26
N VAL B 231 5.87 -6.38 25.24
CA VAL B 231 4.85 -5.42 25.71
C VAL B 231 5.08 -5.05 27.17
N GLN B 232 5.32 -6.06 28.02
CA GLN B 232 5.65 -5.79 29.42
C GLN B 232 6.93 -4.98 29.64
N ASN B 233 8.02 -5.37 29.02
CA ASN B 233 9.28 -4.68 29.21
C ASN B 233 9.22 -3.23 28.68
N LEU B 234 8.48 -2.98 27.59
CA LEU B 234 8.25 -1.60 27.11
C LEU B 234 7.38 -0.78 28.07
N ALA B 235 6.31 -1.38 28.61
CA ALA B 235 5.44 -0.69 29.60
C ALA B 235 6.27 -0.32 30.82
N ARG B 236 6.85 -1.33 31.47
CA ARG B 236 7.70 -1.17 32.68
C ARG B 236 8.59 0.08 32.71
N GLY B 237 9.31 0.33 31.62
CA GLY B 237 10.11 1.54 31.48
C GLY B 237 11.56 1.15 31.34
N9 ADE C . 2.00 8.10 -14.65
C8 ADE C . 2.21 8.87 -15.77
N7 ADE C . 3.05 8.34 -16.63
C5 ADE C . 3.41 7.14 -16.05
C6 ADE C . 4.27 6.10 -16.47
N6 ADE C . 4.94 6.10 -17.63
N1 ADE C . 4.42 5.04 -15.64
C2 ADE C . 3.74 5.03 -14.49
N3 ADE C . 2.92 5.95 -13.98
C4 ADE C . 2.79 6.98 -14.82
N SAH D . 6.39 12.74 -9.42
CA SAH D . 7.26 11.57 -9.36
CB SAH D . 7.42 10.88 -10.71
CG SAH D . 6.45 9.75 -10.60
SD SAH D . 5.00 10.71 -10.61
C SAH D . 8.64 11.98 -9.08
O SAH D . 9.30 12.11 -10.11
OXT SAH D . 9.11 12.14 -7.94
C5' SAH D . 4.07 9.47 -11.49
C4' SAH D . 2.63 9.78 -11.20
O4' SAH D . 1.81 9.79 -12.39
C3' SAH D . 2.05 8.75 -10.27
O3' SAH D . 1.42 9.48 -9.22
C2' SAH D . 1.18 7.98 -11.25
O2' SAH D . 0.14 7.25 -10.71
C1' SAH D . 0.66 8.98 -12.26
S SO4 E . 11.19 1.59 -25.68
O1 SO4 E . 12.23 0.98 -24.85
O2 SO4 E . 11.25 1.13 -27.08
O3 SO4 E . 9.89 1.17 -25.08
O4 SO4 E . 11.31 3.07 -25.72
#